data_1FH5
#
_entry.id   1FH5
#
_cell.length_a   58.910
_cell.length_b   65.660
_cell.length_c   73.460
_cell.angle_alpha   109.14
_cell.angle_beta   106.94
_cell.angle_gamma   95.91
#
_symmetry.space_group_name_H-M   'P 1'
#
loop_
_entity.id
_entity.type
_entity.pdbx_description
1 polymer 'MONOCLONAL ANTIBODY MAK33'
2 polymer 'MONOCLONAL ANTIBODY MAK33'
#
loop_
_entity_poly.entity_id
_entity_poly.type
_entity_poly.pdbx_seq_one_letter_code
_entity_poly.pdbx_strand_id
1 'polypeptide(L)'
;DIVLTQSPATLSVTPGESVSLSCRASQSISNNLHWYQQKSHESPRLLIKYASQSISGIPSRFSGSGSGTDFTLSINSVET
EDFGMYYCQQSNSWPLTFGAGTKLELKRADAAPTVSIFPPSSEQLTSGGASVVCFLNNFYPKDINVKWKIDGSERQNGVL
NSWTDQDSKDSTYSMSSTLTLTKDEYERHNSYTCEATHKTSTSPIVKSFNRNE
;
L
2 'polypeptide(L)'
;SGGGLVKPAGSLKLSCAASGFTFSSYYMYWVRQTPDKRLEWVATISDGGSYTYYPDSVKGRFTISRDNAKNNLYLQMSSL
KSEDTAMYYCARDAMDYWGQGTLVTVSAAKTTPPSVYPLAVTLGCLVKGYFPEPVTVTWNSGSLSSGVHTFPAVLQSDLY
TLSSSVTVTSSTWPSETVTCNVAHPASSTKVDKKIVPR
;
H
#
# COMPACT_ATOMS: atom_id res chain seq x y z
N ASP A 1 3.44 -5.23 -27.30
CA ASP A 1 3.90 -4.89 -25.91
C ASP A 1 5.23 -5.53 -25.52
N ILE A 2 6.08 -4.73 -24.88
CA ILE A 2 7.41 -5.12 -24.39
C ILE A 2 7.34 -5.23 -22.86
N VAL A 3 7.54 -6.43 -22.36
CA VAL A 3 7.50 -6.67 -20.91
C VAL A 3 8.89 -6.54 -20.30
N LEU A 4 8.95 -5.74 -19.25
CA LEU A 4 10.20 -5.49 -18.53
C LEU A 4 10.17 -6.23 -17.19
N THR A 5 11.05 -7.22 -17.11
CA THR A 5 11.17 -8.08 -15.94
C THR A 5 12.27 -7.58 -15.01
N GLN A 6 11.87 -6.95 -13.91
CA GLN A 6 12.85 -6.48 -12.95
C GLN A 6 13.08 -7.60 -11.98
N SER A 7 14.26 -7.59 -11.35
CA SER A 7 14.67 -8.60 -10.39
C SER A 7 15.82 -8.15 -9.50
N PRO A 8 15.77 -8.57 -8.23
CA PRO A 8 14.67 -9.41 -7.77
C PRO A 8 13.51 -8.56 -7.24
N ALA A 9 12.37 -9.18 -6.98
CA ALA A 9 11.23 -8.43 -6.49
C ALA A 9 11.55 -7.60 -5.24
N THR A 10 12.30 -8.16 -4.31
CA THR A 10 12.68 -7.44 -3.10
C THR A 10 14.13 -7.77 -2.80
N LEU A 11 14.79 -6.87 -2.10
CA LEU A 11 16.19 -7.07 -1.80
C LEU A 11 16.52 -6.49 -0.44
N SER A 12 16.97 -7.37 0.46
CA SER A 12 17.34 -6.96 1.80
C SER A 12 18.81 -6.61 1.76
N VAL A 13 19.11 -5.40 2.19
CA VAL A 13 20.46 -4.87 2.17
C VAL A 13 20.71 -3.91 3.34
N THR A 14 21.92 -3.97 3.86
CA THR A 14 22.36 -3.14 4.97
C THR A 14 22.84 -1.75 4.48
N PRO A 15 22.73 -0.70 5.31
CA PRO A 15 23.20 0.61 4.87
C PRO A 15 24.70 0.50 4.56
N GLY A 16 25.13 0.86 3.36
CA GLY A 16 26.55 0.78 3.08
C GLY A 16 26.92 -0.25 2.05
N GLU A 17 26.13 -1.27 1.94
CA GLU A 17 26.39 -2.28 0.94
C GLU A 17 26.09 -1.68 -0.44
N SER A 18 26.51 -2.26 -1.46
CA SER A 18 26.21 -1.72 -2.77
C SER A 18 25.32 -2.70 -3.52
N VAL A 19 24.45 -2.21 -4.39
CA VAL A 19 23.53 -3.08 -5.10
C VAL A 19 23.46 -2.85 -6.59
N SER A 20 22.88 -3.81 -7.25
CA SER A 20 22.71 -3.77 -8.68
C SER A 20 21.29 -4.31 -8.88
N LEU A 21 20.44 -3.53 -9.55
CA LEU A 21 19.09 -3.98 -9.75
C LEU A 21 19.00 -4.22 -11.24
N SER A 22 18.34 -5.31 -11.63
CA SER A 22 18.23 -5.59 -13.04
C SER A 22 16.88 -5.24 -13.58
N CYS A 23 16.86 -5.01 -14.89
CA CYS A 23 15.67 -4.72 -15.61
C CYS A 23 15.96 -5.21 -17.01
N ARG A 24 15.31 -6.29 -17.40
CA ARG A 24 15.53 -6.92 -18.69
C ARG A 24 14.35 -6.70 -19.65
N ALA A 25 14.60 -6.16 -20.83
CA ALA A 25 13.48 -5.98 -21.76
C ALA A 25 13.38 -7.18 -22.68
N SER A 26 12.14 -7.55 -22.98
CA SER A 26 11.85 -8.70 -23.82
C SER A 26 11.91 -8.28 -25.28
N GLN A 27 13.00 -7.60 -25.63
CA GLN A 27 13.21 -7.13 -27.00
C GLN A 27 14.25 -6.04 -26.97
N SER A 28 15.01 -5.94 -28.06
CA SER A 28 16.03 -4.90 -28.13
C SER A 28 15.28 -3.58 -28.02
N ILE A 29 15.39 -2.99 -26.84
CA ILE A 29 14.75 -1.72 -26.50
C ILE A 29 15.74 -0.59 -26.80
N SER A 30 17.02 -0.96 -26.75
CA SER A 30 18.14 -0.03 -27.00
C SER A 30 18.37 0.85 -25.77
N ASN A 31 18.97 2.02 -25.97
CA ASN A 31 19.28 2.92 -24.85
C ASN A 31 18.01 3.51 -24.20
N ASN A 32 16.85 3.39 -24.85
CA ASN A 32 15.59 3.95 -24.33
C ASN A 32 15.00 3.27 -23.10
N LEU A 33 15.71 3.35 -21.99
CA LEU A 33 15.25 2.75 -20.73
C LEU A 33 15.43 3.85 -19.68
N HIS A 34 14.63 3.85 -18.63
CA HIS A 34 14.76 4.88 -17.59
C HIS A 34 14.42 4.37 -16.20
N TRP A 35 15.10 4.89 -15.16
CA TRP A 35 14.84 4.45 -13.80
C TRP A 35 14.15 5.55 -12.99
N TYR A 36 13.22 5.08 -12.12
CA TYR A 36 12.48 5.93 -11.20
C TYR A 36 12.58 5.37 -9.78
N GLN A 37 12.43 6.27 -8.82
CA GLN A 37 12.52 5.96 -7.43
C GLN A 37 11.20 6.40 -6.82
N GLN A 38 10.67 5.57 -5.91
CA GLN A 38 9.43 5.89 -5.21
C GLN A 38 9.51 5.46 -3.75
N LYS A 39 9.48 6.46 -2.89
CA LYS A 39 9.55 6.23 -1.46
C LYS A 39 8.13 6.34 -1.00
N SER A 40 7.88 5.61 0.07
CA SER A 40 6.58 5.52 0.70
C SER A 40 5.80 6.83 0.76
N HIS A 41 4.64 6.83 0.11
CA HIS A 41 3.76 8.00 0.08
C HIS A 41 4.33 9.17 -0.68
N GLU A 42 4.96 8.90 -1.81
CA GLU A 42 5.51 9.94 -2.67
C GLU A 42 5.40 9.47 -4.11
N SER A 43 5.25 10.40 -5.03
CA SER A 43 5.15 10.00 -6.42
C SER A 43 6.55 9.74 -6.92
N PRO A 44 6.66 9.07 -8.07
CA PRO A 44 7.94 8.74 -8.66
C PRO A 44 8.88 9.95 -8.91
N ARG A 45 10.18 9.65 -8.90
CA ARG A 45 11.26 10.60 -9.09
C ARG A 45 12.11 10.00 -10.19
N LEU A 46 12.34 10.73 -11.26
CA LEU A 46 13.16 10.19 -12.34
C LEU A 46 14.63 10.26 -11.91
N LEU A 47 15.30 9.11 -11.91
CA LEU A 47 16.70 9.07 -11.47
C LEU A 47 17.68 9.00 -12.66
N ILE A 48 17.33 8.25 -13.70
CA ILE A 48 18.26 8.07 -14.85
C ILE A 48 17.48 7.95 -16.15
N LYS A 49 17.88 8.81 -17.07
CA LYS A 49 17.27 8.91 -18.39
C LYS A 49 18.19 8.39 -19.50
N TYR A 50 17.65 7.39 -20.20
CA TYR A 50 18.28 6.79 -21.37
C TYR A 50 19.38 5.77 -21.02
N ALA A 51 19.38 5.32 -19.78
CA ALA A 51 20.24 4.20 -19.37
C ALA A 51 21.46 4.58 -18.52
N SER A 52 22.16 5.62 -18.87
CA SER A 52 23.35 5.99 -18.08
C SER A 52 23.31 7.47 -17.70
N GLN A 53 22.47 8.20 -18.40
CA GLN A 53 22.32 9.63 -18.15
C GLN A 53 21.52 9.84 -16.88
N SER A 54 22.21 10.19 -15.79
CA SER A 54 21.57 10.42 -14.51
C SER A 54 21.17 11.90 -14.49
N ILE A 55 20.11 12.25 -13.77
CA ILE A 55 19.64 13.63 -13.74
C ILE A 55 20.43 14.54 -12.84
N SER A 56 20.63 15.77 -13.27
CA SER A 56 21.39 16.70 -12.43
C SER A 56 20.87 16.64 -11.00
N GLY A 57 21.78 16.64 -10.04
CA GLY A 57 21.38 16.61 -8.65
C GLY A 57 21.37 15.25 -7.98
N ILE A 58 21.02 14.20 -8.71
CA ILE A 58 21.00 12.86 -8.15
C ILE A 58 22.41 12.53 -7.64
N PRO A 59 22.55 11.98 -6.40
CA PRO A 59 23.88 11.66 -5.88
C PRO A 59 24.71 10.68 -6.73
N SER A 60 26.03 10.85 -6.70
CA SER A 60 26.96 10.03 -7.47
C SER A 60 26.86 8.52 -7.31
N ARG A 61 26.30 8.08 -6.18
CA ARG A 61 26.19 6.66 -5.88
C ARG A 61 25.23 5.95 -6.80
N PHE A 62 24.43 6.71 -7.53
CA PHE A 62 23.50 6.09 -8.44
C PHE A 62 24.18 6.14 -9.79
N SER A 63 24.02 5.08 -10.57
CA SER A 63 24.62 4.98 -11.91
C SER A 63 23.87 3.90 -12.64
N GLY A 64 23.54 4.14 -13.90
CA GLY A 64 22.82 3.15 -14.70
C GLY A 64 23.61 2.75 -15.94
N SER A 65 23.55 1.49 -16.33
CA SER A 65 24.28 1.02 -17.51
C SER A 65 23.47 -0.02 -18.25
N GLY A 66 23.59 -0.05 -19.58
CA GLY A 66 22.84 -1.02 -20.33
C GLY A 66 22.49 -0.64 -21.75
N SER A 67 22.23 -1.65 -22.54
CA SER A 67 21.84 -1.50 -23.93
C SER A 67 21.26 -2.79 -24.43
N GLY A 68 20.28 -2.63 -25.32
CA GLY A 68 19.64 -3.80 -25.89
C GLY A 68 18.66 -4.48 -24.97
N THR A 69 19.16 -5.34 -24.10
CA THR A 69 18.23 -6.07 -23.27
C THR A 69 18.46 -6.06 -21.78
N ASP A 70 19.70 -5.90 -21.35
CA ASP A 70 19.93 -5.90 -19.94
C ASP A 70 20.46 -4.59 -19.44
N PHE A 71 19.73 -4.02 -18.51
CA PHE A 71 20.09 -2.74 -17.93
C PHE A 71 20.22 -2.93 -16.43
N THR A 72 21.22 -2.26 -15.89
CA THR A 72 21.49 -2.33 -14.46
C THR A 72 21.58 -0.93 -13.86
N LEU A 73 20.98 -0.81 -12.72
CA LEU A 73 21.00 0.41 -11.93
C LEU A 73 21.75 0.08 -10.64
N SER A 74 22.96 0.57 -10.56
CA SER A 74 23.78 0.26 -9.39
C SER A 74 23.70 1.38 -8.37
N ILE A 75 23.86 1.07 -7.16
CA ILE A 75 23.98 2.01 -6.06
C ILE A 75 25.17 1.62 -5.16
N ASN A 76 26.25 2.29 -5.35
CA ASN A 76 27.47 1.91 -4.65
C ASN A 76 27.45 2.44 -3.25
N SER A 77 27.06 1.58 -2.32
CA SER A 77 27.00 1.97 -0.93
C SER A 77 25.70 2.71 -0.68
N VAL A 78 24.68 1.91 -0.39
CA VAL A 78 23.31 2.35 -0.09
C VAL A 78 23.21 3.27 1.15
N GLU A 79 22.41 4.32 1.04
CA GLU A 79 22.20 5.23 2.16
C GLU A 79 20.78 4.97 2.69
N THR A 80 20.55 5.27 3.97
CA THR A 80 19.22 5.12 4.60
C THR A 80 18.10 5.69 3.73
N GLU A 81 18.29 6.90 3.22
CA GLU A 81 17.31 7.58 2.34
C GLU A 81 17.22 6.99 0.94
N ASP A 82 17.56 5.70 0.78
CA ASP A 82 17.54 5.02 -0.52
C ASP A 82 16.51 3.88 -0.65
N PHE A 83 15.96 3.46 0.50
CA PHE A 83 14.99 2.38 0.54
C PHE A 83 13.66 2.82 -0.03
N GLY A 84 13.16 2.09 -1.02
CA GLY A 84 11.92 2.45 -1.64
C GLY A 84 11.79 1.61 -2.90
N MET A 85 11.00 2.06 -3.86
CA MET A 85 10.82 1.25 -5.06
C MET A 85 11.67 1.76 -6.20
N TYR A 86 12.01 0.85 -7.10
CA TYR A 86 12.80 1.24 -8.24
C TYR A 86 12.09 0.71 -9.47
N TYR A 87 11.71 1.60 -10.33
CA TYR A 87 11.05 1.14 -11.55
C TYR A 87 11.86 1.57 -12.76
N CYS A 88 11.78 0.75 -13.73
CA CYS A 88 12.35 1.03 -15.05
C CYS A 88 11.26 1.09 -16.11
N GLN A 89 11.40 1.93 -17.06
CA GLN A 89 10.37 2.07 -18.09
C GLN A 89 11.05 2.36 -19.43
N GLN A 90 10.48 1.82 -20.49
CA GLN A 90 11.07 2.01 -21.83
C GLN A 90 10.28 2.98 -22.67
N SER A 91 10.95 3.44 -23.72
CA SER A 91 10.34 4.43 -24.57
C SER A 91 10.56 4.29 -26.08
N ASN A 92 10.63 3.09 -26.62
CA ASN A 92 10.82 3.02 -28.07
C ASN A 92 9.79 2.14 -28.77
N SER A 93 8.90 1.55 -28.00
CA SER A 93 7.88 0.67 -28.59
C SER A 93 6.49 1.30 -28.39
N TRP A 94 5.48 0.56 -28.84
CA TRP A 94 4.08 1.03 -28.80
C TRP A 94 3.65 1.39 -27.37
N PRO A 95 2.83 0.57 -26.68
CA PRO A 95 2.40 0.89 -25.34
C PRO A 95 3.59 1.03 -24.44
N LEU A 96 3.84 2.28 -24.13
CA LEU A 96 4.90 2.69 -23.23
C LEU A 96 4.81 1.84 -21.95
N THR A 97 5.80 0.99 -21.68
CA THR A 97 5.70 0.03 -20.55
C THR A 97 6.60 0.31 -19.37
N PHE A 98 6.24 -0.28 -18.24
CA PHE A 98 6.98 -0.19 -16.98
C PHE A 98 7.22 -1.58 -16.34
N GLY A 99 8.14 -1.61 -15.39
CA GLY A 99 8.45 -2.84 -14.67
C GLY A 99 7.62 -2.87 -13.41
N ALA A 100 7.45 -4.06 -12.84
CA ALA A 100 6.68 -4.23 -11.63
C ALA A 100 7.41 -3.57 -10.48
N GLY A 101 8.72 -3.45 -10.62
CA GLY A 101 9.51 -2.83 -9.58
C GLY A 101 10.24 -3.79 -8.64
N THR A 102 11.16 -3.20 -7.89
CA THR A 102 12.00 -3.87 -6.91
C THR A 102 11.89 -3.04 -5.63
N LYS A 103 11.67 -3.71 -4.52
CA LYS A 103 11.51 -3.05 -3.26
C LYS A 103 12.84 -3.17 -2.53
N LEU A 104 13.51 -2.06 -2.28
CA LEU A 104 14.77 -2.12 -1.58
C LEU A 104 14.44 -1.99 -0.11
N GLU A 105 14.78 -3.01 0.67
CA GLU A 105 14.49 -3.02 2.10
C GLU A 105 15.81 -3.17 2.88
N LEU A 106 15.72 -2.60 4.06
CA LEU A 106 16.81 -2.41 5.02
C LEU A 106 16.92 -3.61 6.01
N LYS A 107 18.04 -4.35 5.85
CA LYS A 107 18.42 -5.56 6.65
C LYS A 107 18.68 -5.19 8.11
N ARG A 108 18.20 -5.99 9.06
CA ARG A 108 18.43 -5.72 10.48
C ARG A 108 18.52 -7.07 11.19
N ALA A 109 18.90 -7.04 12.46
CA ALA A 109 19.01 -8.25 13.25
C ALA A 109 17.65 -8.96 13.32
N ASP A 110 17.66 -10.29 13.39
CA ASP A 110 16.43 -11.10 13.50
C ASP A 110 15.74 -10.61 14.76
N ALA A 111 14.43 -10.36 14.68
CA ALA A 111 13.66 -9.86 15.82
C ALA A 111 12.48 -10.80 16.10
N ALA A 112 12.34 -11.25 17.35
CA ALA A 112 11.26 -12.17 17.72
C ALA A 112 9.89 -11.49 17.81
N PRO A 113 8.84 -12.15 17.27
CA PRO A 113 7.44 -11.71 17.23
C PRO A 113 6.82 -11.65 18.60
N THR A 114 6.06 -10.58 18.88
CA THR A 114 5.35 -10.47 20.16
C THR A 114 3.90 -10.75 19.82
N VAL A 115 3.39 -11.89 20.28
CA VAL A 115 2.03 -12.33 19.96
C VAL A 115 0.94 -12.04 20.98
N SER A 116 -0.25 -11.75 20.46
CA SER A 116 -1.42 -11.44 21.28
C SER A 116 -2.71 -11.91 20.65
N ILE A 117 -3.49 -12.63 21.44
CA ILE A 117 -4.75 -13.12 20.95
C ILE A 117 -5.86 -12.34 21.64
N PHE A 118 -6.81 -11.88 20.87
CA PHE A 118 -7.90 -11.14 21.47
C PHE A 118 -9.28 -11.75 21.11
N PRO A 119 -9.99 -12.41 22.06
CA PRO A 119 -11.33 -13.01 21.82
C PRO A 119 -12.36 -11.96 21.40
N PRO A 120 -13.50 -12.34 20.76
CA PRO A 120 -14.48 -11.37 20.25
C PRO A 120 -15.08 -10.50 21.35
N SER A 121 -15.26 -9.22 21.01
CA SER A 121 -15.87 -8.24 21.92
C SER A 121 -17.35 -8.63 22.09
N SER A 122 -17.92 -8.39 23.26
CA SER A 122 -19.32 -8.75 23.45
C SER A 122 -20.21 -7.94 22.50
N GLU A 123 -19.81 -6.71 22.22
CA GLU A 123 -20.59 -5.88 21.32
C GLU A 123 -20.72 -6.58 19.98
N GLN A 124 -19.61 -7.11 19.47
CA GLN A 124 -19.67 -7.79 18.18
C GLN A 124 -20.59 -9.01 18.22
N LEU A 125 -20.51 -9.80 19.30
CA LEU A 125 -21.37 -11.00 19.49
C LEU A 125 -22.84 -10.62 19.41
N THR A 126 -23.23 -9.58 20.14
CA THR A 126 -24.62 -9.16 20.12
C THR A 126 -25.04 -8.88 18.67
N SER A 127 -24.08 -8.77 17.76
CA SER A 127 -24.40 -8.54 16.36
C SER A 127 -24.54 -9.88 15.65
N GLY A 128 -23.99 -10.92 16.27
CA GLY A 128 -24.10 -12.24 15.67
C GLY A 128 -22.85 -12.66 14.91
N GLY A 129 -21.75 -11.94 15.15
CA GLY A 129 -20.50 -12.27 14.50
C GLY A 129 -19.47 -12.43 15.59
N ALA A 130 -18.47 -13.25 15.37
CA ALA A 130 -17.42 -13.45 16.36
C ALA A 130 -16.09 -13.45 15.60
N SER A 131 -15.32 -12.37 15.74
CA SER A 131 -14.03 -12.27 15.06
C SER A 131 -12.91 -12.47 16.05
N VAL A 132 -12.12 -13.52 15.85
CA VAL A 132 -11.01 -13.75 16.75
C VAL A 132 -9.83 -13.09 16.10
N VAL A 133 -9.22 -12.19 16.84
CA VAL A 133 -8.11 -11.41 16.32
C VAL A 133 -6.78 -11.72 16.97
N CYS A 134 -5.76 -11.85 16.14
CA CYS A 134 -4.42 -12.12 16.63
C CYS A 134 -3.36 -11.21 16.04
N PHE A 135 -2.59 -10.55 16.90
CA PHE A 135 -1.54 -9.65 16.42
C PHE A 135 -0.11 -10.20 16.66
N LEU A 136 0.61 -10.43 15.55
CA LEU A 136 2.05 -10.80 15.57
C LEU A 136 2.82 -9.50 15.35
N ASN A 137 3.42 -8.94 16.38
CA ASN A 137 4.04 -7.61 16.21
C ASN A 137 5.56 -7.56 16.44
N ASN A 138 6.11 -6.70 15.59
CA ASN A 138 7.54 -6.25 15.54
C ASN A 138 8.52 -7.42 15.45
N PHE A 139 8.48 -8.10 14.33
CA PHE A 139 9.42 -9.19 14.02
C PHE A 139 10.20 -8.68 12.81
N TYR A 140 11.29 -9.33 12.46
CA TYR A 140 12.12 -8.79 11.38
C TYR A 140 12.14 -9.66 10.11
N PRO A 141 12.61 -10.91 10.11
CA PRO A 141 12.59 -11.71 8.89
C PRO A 141 11.14 -11.82 8.47
N LYS A 142 10.73 -10.86 7.66
CA LYS A 142 9.32 -10.74 7.23
C LYS A 142 8.52 -12.07 7.14
N ASP A 143 9.19 -13.12 6.71
CA ASP A 143 8.56 -14.44 6.56
C ASP A 143 8.19 -14.99 7.92
N ILE A 144 6.90 -15.04 8.12
CA ILE A 144 6.32 -15.58 9.33
C ILE A 144 5.22 -16.59 8.96
N ASN A 145 4.94 -17.51 9.77
CA ASN A 145 3.91 -18.50 9.46
C ASN A 145 2.88 -18.54 10.56
N VAL A 146 1.64 -18.20 10.24
CA VAL A 146 0.57 -18.22 11.23
C VAL A 146 -0.41 -19.38 10.97
N LYS A 147 -0.83 -20.02 12.05
CA LYS A 147 -1.79 -21.13 11.98
C LYS A 147 -2.89 -20.90 13.00
N TRP A 148 -4.11 -21.31 12.70
CA TRP A 148 -5.18 -21.20 13.68
C TRP A 148 -5.60 -22.57 14.20
N LYS A 149 -5.84 -22.75 15.48
CA LYS A 149 -6.25 -24.09 15.89
C LYS A 149 -7.53 -24.03 16.70
N ILE A 150 -8.61 -24.57 16.14
CA ILE A 150 -9.87 -24.58 16.88
C ILE A 150 -10.05 -25.94 17.53
N ASP A 151 -9.88 -25.95 18.86
CA ASP A 151 -9.94 -27.15 19.69
C ASP A 151 -8.96 -28.17 19.12
N GLY A 152 -7.72 -27.71 19.00
CA GLY A 152 -6.65 -28.54 18.51
C GLY A 152 -6.61 -28.83 17.03
N SER A 153 -7.70 -28.69 16.28
CA SER A 153 -7.51 -29.00 14.88
C SER A 153 -7.28 -27.75 14.05
N GLU A 154 -6.42 -27.89 13.05
CA GLU A 154 -6.07 -26.81 12.17
C GLU A 154 -7.27 -26.28 11.40
N ARG A 155 -7.33 -24.96 11.27
CA ARG A 155 -8.41 -24.24 10.62
C ARG A 155 -7.91 -23.29 9.53
N GLN A 156 -8.08 -23.61 8.26
CA GLN A 156 -7.57 -22.69 7.28
C GLN A 156 -8.57 -21.66 6.80
N ASN A 157 -9.77 -22.11 6.48
CA ASN A 157 -10.85 -21.25 5.98
C ASN A 157 -11.33 -20.13 6.94
N GLY A 158 -11.50 -18.93 6.38
CA GLY A 158 -11.98 -17.81 7.16
C GLY A 158 -10.88 -17.01 7.83
N VAL A 159 -9.64 -17.33 7.48
CA VAL A 159 -8.56 -16.58 8.05
C VAL A 159 -8.20 -15.46 7.08
N LEU A 160 -8.12 -14.24 7.60
CA LEU A 160 -7.75 -13.07 6.82
C LEU A 160 -6.52 -12.47 7.46
N ASN A 161 -5.51 -12.19 6.64
CA ASN A 161 -4.29 -11.60 7.15
C ASN A 161 -3.98 -10.27 6.51
N SER A 162 -3.17 -9.52 7.23
CA SER A 162 -2.74 -8.20 6.81
C SER A 162 -1.39 -7.88 7.42
N TRP A 163 -0.53 -7.38 6.55
CA TRP A 163 0.83 -7.01 6.93
C TRP A 163 1.04 -5.50 6.83
N THR A 164 2.14 -5.09 7.48
CA THR A 164 2.61 -3.68 7.47
C THR A 164 3.94 -3.55 6.76
N ASP A 165 4.24 -2.34 6.31
CA ASP A 165 5.52 -2.08 5.64
C ASP A 165 6.54 -2.10 6.75
N GLN A 166 7.79 -2.02 6.39
CA GLN A 166 8.85 -2.01 7.38
C GLN A 166 8.67 -0.75 8.19
N ASP A 167 8.73 -0.87 9.51
CA ASP A 167 8.59 0.28 10.41
C ASP A 167 9.79 1.25 10.34
N SER A 168 9.51 2.50 9.99
CA SER A 168 10.53 3.53 9.87
C SER A 168 11.16 3.95 11.21
N LYS A 169 11.22 3.06 12.18
CA LYS A 169 11.86 3.42 13.45
C LYS A 169 12.75 2.30 13.97
N ASP A 170 12.35 1.06 13.69
CA ASP A 170 13.07 -0.15 14.12
C ASP A 170 13.16 -1.18 13.00
N SER A 171 12.68 -0.80 11.83
CA SER A 171 12.70 -1.63 10.65
C SER A 171 12.11 -3.03 10.84
N THR A 172 11.11 -3.14 11.71
CA THR A 172 10.45 -4.44 11.94
C THR A 172 9.14 -4.54 11.18
N TYR A 173 8.60 -5.75 11.18
CA TYR A 173 7.34 -5.97 10.51
C TYR A 173 6.31 -6.30 11.56
N SER A 174 5.05 -6.25 11.14
CA SER A 174 3.94 -6.54 12.02
C SER A 174 2.81 -7.08 11.16
N MET A 175 1.94 -7.87 11.75
CA MET A 175 0.87 -8.43 10.96
C MET A 175 -0.25 -8.88 11.84
N SER A 176 -1.46 -8.80 11.32
CA SER A 176 -2.59 -9.23 12.09
C SER A 176 -3.30 -10.31 11.29
N SER A 177 -3.72 -11.34 12.03
CA SER A 177 -4.46 -12.49 11.49
C SER A 177 -5.86 -12.49 12.11
N THR A 178 -6.88 -12.63 11.28
CA THR A 178 -8.23 -12.61 11.82
C THR A 178 -9.06 -13.79 11.37
N LEU A 179 -9.64 -14.52 12.32
CA LEU A 179 -10.46 -15.69 11.99
C LEU A 179 -11.89 -15.25 12.23
N THR A 180 -12.72 -15.30 11.22
CA THR A 180 -14.09 -14.84 11.40
C THR A 180 -15.08 -15.99 11.26
N LEU A 181 -15.81 -16.16 12.35
CA LEU A 181 -16.90 -17.16 12.47
C LEU A 181 -18.17 -16.41 12.91
N THR A 182 -19.29 -17.10 12.84
CA THR A 182 -20.54 -16.52 13.35
C THR A 182 -20.52 -16.74 14.86
N LYS A 183 -21.52 -16.22 15.53
CA LYS A 183 -21.62 -16.38 16.99
C LYS A 183 -21.91 -17.84 17.31
N ASP A 184 -22.86 -18.40 16.56
CA ASP A 184 -23.20 -19.80 16.72
C ASP A 184 -21.94 -20.61 16.50
N GLU A 185 -21.32 -20.44 15.34
CA GLU A 185 -20.08 -21.15 15.06
C GLU A 185 -19.05 -21.01 16.17
N TYR A 186 -18.85 -19.79 16.63
CA TYR A 186 -17.85 -19.51 17.65
C TYR A 186 -18.14 -20.17 18.96
N GLU A 187 -19.42 -20.21 19.31
CA GLU A 187 -19.87 -20.78 20.57
C GLU A 187 -19.95 -22.31 20.62
N ARG A 188 -19.51 -22.95 19.55
CA ARG A 188 -19.51 -24.40 19.44
C ARG A 188 -18.21 -25.05 19.88
N HIS A 189 -17.14 -24.27 20.03
CA HIS A 189 -15.86 -24.83 20.44
C HIS A 189 -15.38 -24.13 21.67
N ASN A 190 -14.31 -24.63 22.28
CA ASN A 190 -13.88 -23.99 23.52
C ASN A 190 -12.58 -23.21 23.41
N SER A 191 -11.52 -23.87 23.00
CA SER A 191 -10.23 -23.21 22.89
C SER A 191 -9.89 -22.76 21.50
N TYR A 192 -9.29 -21.57 21.44
CA TYR A 192 -8.84 -20.92 20.20
C TYR A 192 -7.35 -20.62 20.27
N THR A 193 -6.64 -21.06 19.24
CA THR A 193 -5.17 -20.88 19.21
C THR A 193 -4.66 -20.21 17.95
N CYS A 194 -3.78 -19.29 18.23
CA CYS A 194 -3.01 -18.55 17.23
C CYS A 194 -1.57 -18.99 17.45
N GLU A 195 -1.04 -19.66 16.47
CA GLU A 195 0.28 -20.29 16.55
C GLU A 195 1.19 -19.79 15.44
N ALA A 196 2.34 -19.26 15.84
CA ALA A 196 3.26 -18.65 14.88
C ALA A 196 4.66 -19.22 14.82
N THR A 197 5.08 -19.64 13.63
CA THR A 197 6.43 -20.15 13.44
C THR A 197 7.29 -19.02 12.80
N HIS A 198 8.52 -18.89 13.27
CA HIS A 198 9.45 -17.86 12.78
C HIS A 198 10.92 -18.27 12.92
N LYS A 199 11.82 -17.59 12.20
CA LYS A 199 13.28 -17.86 12.22
C LYS A 199 13.88 -17.74 13.62
N THR A 200 13.40 -16.78 14.36
CA THR A 200 13.88 -16.53 15.71
C THR A 200 13.64 -17.68 16.69
N SER A 201 12.98 -18.75 16.25
CA SER A 201 12.76 -19.90 17.13
C SER A 201 12.38 -21.18 16.45
N THR A 202 12.85 -22.27 17.06
CA THR A 202 12.65 -23.63 16.58
C THR A 202 11.25 -24.16 16.86
N SER A 203 10.73 -23.79 18.03
CA SER A 203 9.40 -24.19 18.45
C SER A 203 8.52 -22.96 18.21
N PRO A 204 7.27 -23.16 17.75
CA PRO A 204 6.37 -22.03 17.49
C PRO A 204 5.86 -21.26 18.72
N ILE A 205 5.68 -19.98 18.53
CA ILE A 205 5.00 -19.24 19.59
C ILE A 205 3.50 -19.50 19.47
N VAL A 206 2.89 -19.76 20.61
CA VAL A 206 1.46 -20.08 20.65
C VAL A 206 0.77 -19.33 21.79
N LYS A 207 -0.38 -18.82 21.46
CA LYS A 207 -1.21 -18.07 22.40
C LYS A 207 -2.64 -18.57 22.29
N SER A 208 -3.29 -18.80 23.43
CA SER A 208 -4.64 -19.32 23.33
C SER A 208 -5.54 -18.94 24.47
N PHE A 209 -6.81 -19.24 24.26
CA PHE A 209 -7.84 -18.99 25.24
C PHE A 209 -9.00 -19.92 24.95
N ASN A 210 -9.79 -20.16 26.00
CA ASN A 210 -10.97 -21.02 25.93
C ASN A 210 -12.18 -20.11 26.10
N ARG A 211 -13.28 -20.46 25.43
CA ARG A 211 -14.49 -19.66 25.45
C ARG A 211 -15.02 -19.42 26.87
N ASN A 212 -15.14 -20.48 27.65
CA ASN A 212 -15.53 -20.34 29.05
C ASN A 212 -14.24 -20.54 29.86
N GLU A 213 -13.65 -19.39 30.18
CA GLU A 213 -12.39 -19.22 30.93
C GLU A 213 -11.86 -20.41 31.75
N SER B 1 -6.38 17.09 -9.16
CA SER B 1 -7.68 17.01 -8.56
C SER B 1 -8.72 16.50 -9.55
N GLY B 2 -9.98 16.37 -9.07
CA GLY B 2 -11.11 15.78 -9.81
C GLY B 2 -11.37 14.26 -9.53
N GLY B 3 -10.66 13.75 -8.53
CA GLY B 3 -10.76 12.34 -8.17
C GLY B 3 -12.00 11.96 -7.41
N GLY B 4 -11.95 10.77 -6.81
CA GLY B 4 -13.08 10.32 -6.03
C GLY B 4 -13.65 8.97 -6.39
N LEU B 5 -14.77 8.68 -5.76
CA LEU B 5 -15.47 7.44 -5.94
C LEU B 5 -16.44 7.61 -7.11
N VAL B 6 -16.48 6.63 -8.01
CA VAL B 6 -17.39 6.66 -9.16
C VAL B 6 -17.94 5.27 -9.43
N LYS B 7 -19.19 5.19 -9.85
CA LYS B 7 -19.75 3.89 -10.13
C LYS B 7 -19.35 3.51 -11.55
N PRO B 8 -19.12 2.21 -11.80
CA PRO B 8 -18.73 1.71 -13.11
C PRO B 8 -19.61 2.29 -14.22
N ALA B 9 -18.94 2.88 -15.22
CA ALA B 9 -19.52 3.52 -16.41
C ALA B 9 -19.61 5.02 -16.22
N GLY B 10 -19.32 5.48 -15.00
CA GLY B 10 -19.35 6.89 -14.75
C GLY B 10 -18.33 7.63 -15.61
N SER B 11 -18.31 8.95 -15.47
CA SER B 11 -17.34 9.78 -16.17
C SER B 11 -16.69 10.68 -15.13
N LEU B 12 -15.56 11.27 -15.51
CA LEU B 12 -14.82 12.08 -14.57
C LEU B 12 -13.76 12.88 -15.32
N LYS B 13 -13.44 14.05 -14.80
CA LYS B 13 -12.44 14.89 -15.44
C LYS B 13 -11.43 15.26 -14.38
N LEU B 14 -10.18 14.89 -14.64
CA LEU B 14 -9.12 15.17 -13.70
C LEU B 14 -8.42 16.44 -14.19
N SER B 15 -7.78 17.16 -13.29
CA SER B 15 -7.07 18.33 -13.75
C SER B 15 -5.66 18.21 -13.28
N CYS B 16 -4.84 19.14 -13.73
CA CYS B 16 -3.43 19.16 -13.39
C CYS B 16 -2.92 20.61 -13.57
N ALA B 17 -2.65 21.29 -12.44
CA ALA B 17 -2.19 22.68 -12.41
C ALA B 17 -0.66 22.77 -12.41
N ALA B 18 -0.12 23.36 -13.46
CA ALA B 18 1.32 23.49 -13.57
C ALA B 18 1.81 24.87 -13.19
N SER B 19 3.01 24.95 -12.64
CA SER B 19 3.62 26.22 -12.27
C SER B 19 5.09 25.90 -12.08
N GLY B 20 5.98 26.86 -12.35
CA GLY B 20 7.40 26.65 -12.18
C GLY B 20 8.17 26.32 -13.46
N PHE B 21 7.47 26.35 -14.59
CA PHE B 21 8.08 26.08 -15.88
C PHE B 21 7.14 26.54 -16.98
N THR B 22 7.54 26.37 -18.22
CA THR B 22 6.70 26.82 -19.32
C THR B 22 5.82 25.73 -19.88
N PHE B 23 4.68 25.59 -19.23
CA PHE B 23 3.68 24.60 -19.58
C PHE B 23 3.53 24.30 -21.07
N SER B 24 3.80 25.29 -21.93
CA SER B 24 3.66 25.14 -23.37
C SER B 24 4.85 24.54 -24.11
N SER B 25 6.02 24.56 -23.51
CA SER B 25 7.20 24.00 -24.18
C SER B 25 7.33 22.49 -24.00
N TYR B 26 6.51 21.93 -23.11
CA TYR B 26 6.58 20.49 -22.79
C TYR B 26 5.36 19.68 -23.26
N TYR B 27 5.67 18.41 -23.46
CA TYR B 27 4.70 17.34 -23.75
C TYR B 27 4.22 16.85 -22.39
N MET B 28 2.93 16.60 -22.21
CA MET B 28 2.41 16.17 -20.92
C MET B 28 2.04 14.69 -20.95
N TYR B 29 2.02 14.09 -19.74
CA TYR B 29 1.63 12.68 -19.57
C TYR B 29 0.63 12.49 -18.44
N TRP B 30 -0.15 11.51 -18.59
CA TRP B 30 -1.00 10.98 -17.54
C TRP B 30 -0.61 9.54 -17.21
N VAL B 31 -0.13 9.31 -16.05
CA VAL B 31 0.35 7.99 -15.66
C VAL B 31 -0.37 7.54 -14.39
N ARG B 32 -0.85 6.31 -14.34
CA ARG B 32 -1.50 5.89 -13.11
C ARG B 32 -0.76 4.78 -12.36
N GLN B 33 -1.10 4.63 -11.09
CA GLN B 33 -0.52 3.59 -10.26
C GLN B 33 -1.67 2.89 -9.51
N THR B 34 -1.80 1.61 -9.81
CA THR B 34 -2.86 0.77 -9.27
C THR B 34 -2.55 0.39 -7.85
N PRO B 35 -3.59 0.03 -7.08
CA PRO B 35 -3.38 -0.35 -5.67
C PRO B 35 -2.32 -1.40 -5.43
N ASP B 36 -2.13 -2.27 -6.41
CA ASP B 36 -1.13 -3.30 -6.28
C ASP B 36 0.25 -2.74 -6.76
N LYS B 37 0.33 -1.41 -6.75
CA LYS B 37 1.58 -0.64 -7.04
C LYS B 37 2.09 -0.69 -8.50
N ARG B 38 1.32 -1.23 -9.42
CA ARG B 38 1.76 -1.30 -10.83
C ARG B 38 1.55 0.06 -11.50
N LEU B 39 2.51 0.48 -12.34
CA LEU B 39 2.43 1.76 -13.02
C LEU B 39 1.96 1.62 -14.45
N GLU B 40 1.01 2.44 -14.89
CA GLU B 40 0.58 2.34 -16.29
C GLU B 40 0.51 3.69 -16.99
N TRP B 41 0.87 3.68 -18.28
CA TRP B 41 0.80 4.87 -19.09
C TRP B 41 -0.65 5.00 -19.56
N VAL B 42 -1.22 6.15 -19.28
CA VAL B 42 -2.60 6.42 -19.66
C VAL B 42 -2.71 7.21 -20.96
N ALA B 43 -1.99 8.33 -21.09
CA ALA B 43 -2.07 9.12 -22.32
C ALA B 43 -0.93 10.13 -22.44
N THR B 44 -0.67 10.55 -23.67
CA THR B 44 0.36 11.55 -23.92
C THR B 44 -0.31 12.67 -24.72
N ILE B 45 0.19 13.89 -24.58
CA ILE B 45 -0.31 15.07 -25.30
C ILE B 45 0.89 15.89 -25.77
N SER B 46 0.87 16.28 -27.05
CA SER B 46 1.95 17.06 -27.64
C SER B 46 2.03 18.44 -27.00
N ASP B 47 3.12 19.15 -27.26
CA ASP B 47 3.36 20.48 -26.70
C ASP B 47 2.22 21.45 -27.01
N GLY B 48 1.76 21.42 -28.25
CA GLY B 48 0.69 22.31 -28.65
C GLY B 48 -0.67 21.66 -28.54
N GLY B 49 -0.73 20.34 -28.46
CA GLY B 49 -2.01 19.66 -28.34
C GLY B 49 -2.57 19.12 -29.62
N SER B 50 -1.71 18.94 -30.60
CA SER B 50 -2.16 18.45 -31.88
C SER B 50 -2.13 16.94 -31.96
N TYR B 51 -1.24 16.32 -31.22
CA TYR B 51 -1.15 14.87 -31.26
C TYR B 51 -1.48 14.24 -29.92
N THR B 52 -2.24 13.16 -29.97
CA THR B 52 -2.60 12.48 -28.75
C THR B 52 -2.20 11.04 -28.91
N TYR B 53 -1.95 10.37 -27.78
CA TYR B 53 -1.55 8.98 -27.80
C TYR B 53 -2.09 8.28 -26.56
N TYR B 54 -2.61 7.09 -26.79
CA TYR B 54 -3.20 6.28 -25.72
C TYR B 54 -2.93 4.79 -25.93
N PRO B 55 -2.90 3.95 -24.87
CA PRO B 55 -2.84 2.51 -25.05
C PRO B 55 -4.22 2.03 -25.43
N ASP B 56 -4.36 0.78 -25.84
CA ASP B 56 -5.71 0.26 -26.16
C ASP B 56 -6.59 0.34 -24.90
N SER B 57 -5.92 0.06 -23.79
CA SER B 57 -6.52 0.04 -22.45
C SER B 57 -7.59 1.12 -22.32
N VAL B 58 -7.28 2.34 -22.70
CA VAL B 58 -8.24 3.40 -22.51
C VAL B 58 -8.69 4.07 -23.80
N LYS B 59 -8.16 3.55 -24.90
CA LYS B 59 -8.45 4.05 -26.22
C LYS B 59 -9.93 4.25 -26.40
N GLY B 60 -10.31 5.43 -26.87
CA GLY B 60 -11.72 5.69 -27.07
C GLY B 60 -12.54 6.01 -25.83
N ARG B 61 -11.93 5.99 -24.63
CA ARG B 61 -12.67 6.30 -23.39
C ARG B 61 -12.11 7.51 -22.67
N PHE B 62 -10.78 7.58 -22.64
CA PHE B 62 -10.06 8.68 -22.02
C PHE B 62 -9.75 9.72 -23.08
N THR B 63 -9.73 10.99 -22.69
CA THR B 63 -9.39 12.04 -23.64
C THR B 63 -8.54 13.10 -22.99
N ILE B 64 -7.27 13.10 -23.35
CA ILE B 64 -6.30 14.03 -22.81
C ILE B 64 -6.40 15.37 -23.54
N SER B 65 -6.21 16.46 -22.81
CA SER B 65 -6.31 17.78 -23.39
C SER B 65 -5.61 18.78 -22.51
N ARG B 66 -5.43 19.98 -23.05
CA ARG B 66 -4.75 21.02 -22.28
C ARG B 66 -5.13 22.43 -22.69
N ASP B 67 -4.72 23.36 -21.82
CA ASP B 67 -4.97 24.78 -21.98
C ASP B 67 -3.63 25.49 -21.74
N ASN B 68 -2.92 25.75 -22.83
CA ASN B 68 -1.62 26.42 -22.75
C ASN B 68 -1.74 27.79 -22.08
N ALA B 69 -2.95 28.38 -22.13
CA ALA B 69 -3.22 29.70 -21.54
C ALA B 69 -3.37 29.64 -20.03
N LYS B 70 -4.28 28.80 -19.57
CA LYS B 70 -4.53 28.69 -18.15
C LYS B 70 -3.58 27.69 -17.47
N ASN B 71 -2.67 27.08 -18.23
CA ASN B 71 -1.75 26.12 -17.63
C ASN B 71 -2.51 25.02 -16.91
N ASN B 72 -3.23 24.25 -17.71
CA ASN B 72 -4.04 23.15 -17.23
C ASN B 72 -3.91 21.91 -18.09
N LEU B 73 -3.78 20.83 -17.44
CA LEU B 73 -3.83 19.53 -18.12
C LEU B 73 -5.08 18.75 -17.75
N TYR B 74 -5.76 18.21 -18.69
CA TYR B 74 -7.00 17.49 -18.40
C TYR B 74 -7.00 16.03 -18.84
N LEU B 75 -7.77 15.24 -18.09
CA LEU B 75 -8.01 13.82 -18.40
C LEU B 75 -9.53 13.63 -18.25
N GLN B 76 -10.18 13.30 -19.35
CA GLN B 76 -11.62 13.11 -19.32
C GLN B 76 -11.96 11.65 -19.50
N MET B 77 -12.15 10.96 -18.38
CA MET B 77 -12.47 9.55 -18.39
C MET B 77 -13.96 9.33 -18.57
N SER B 78 -14.27 8.40 -19.46
CA SER B 78 -15.64 8.07 -19.78
C SER B 78 -15.84 6.55 -19.80
N SER B 79 -17.00 6.10 -19.36
CA SER B 79 -17.30 4.68 -19.38
C SER B 79 -16.33 3.96 -18.47
N LEU B 80 -16.09 4.59 -17.33
CA LEU B 80 -15.16 4.02 -16.36
C LEU B 80 -15.35 2.55 -16.08
N LYS B 81 -14.25 1.84 -15.94
CA LYS B 81 -14.29 0.42 -15.63
C LYS B 81 -13.67 0.25 -14.24
N SER B 82 -13.87 -0.91 -13.61
CA SER B 82 -13.32 -1.20 -12.27
C SER B 82 -11.80 -1.10 -12.26
N GLU B 83 -11.21 -1.51 -13.37
CA GLU B 83 -9.77 -1.51 -13.55
C GLU B 83 -9.12 -0.12 -13.72
N ASP B 84 -9.91 0.94 -13.70
CA ASP B 84 -9.35 2.28 -13.82
C ASP B 84 -9.02 2.81 -12.44
N THR B 85 -9.46 2.10 -11.42
CA THR B 85 -9.18 2.46 -10.04
C THR B 85 -7.67 2.60 -9.89
N ALA B 86 -7.20 3.74 -9.40
CA ALA B 86 -5.76 3.94 -9.24
C ALA B 86 -5.49 5.38 -8.94
N MET B 87 -4.22 5.66 -8.62
CA MET B 87 -3.76 7.02 -8.35
C MET B 87 -3.37 7.59 -9.70
N TYR B 88 -3.77 8.83 -9.98
CA TYR B 88 -3.42 9.41 -11.25
C TYR B 88 -2.46 10.59 -11.08
N TYR B 89 -1.42 10.52 -11.89
CA TYR B 89 -0.36 11.53 -11.91
C TYR B 89 -0.20 12.10 -13.32
N CYS B 90 0.38 13.26 -13.35
CA CYS B 90 0.73 13.97 -14.58
C CYS B 90 2.21 14.32 -14.47
N ALA B 91 2.85 14.38 -15.59
CA ALA B 91 4.28 14.68 -15.64
C ALA B 91 4.64 15.36 -16.95
N ARG B 92 5.74 16.10 -16.90
CA ARG B 92 6.26 16.76 -18.10
C ARG B 92 7.35 15.90 -18.69
N ASP B 93 7.47 15.95 -19.99
CA ASP B 93 8.49 15.19 -20.67
C ASP B 93 9.62 16.16 -20.90
N ALA B 94 11.32 9.99 -21.11
CA ALA B 94 11.51 10.03 -19.67
C ALA B 94 10.61 11.08 -19.05
N MET B 95 9.59 10.59 -18.36
CA MET B 95 8.60 11.43 -17.70
C MET B 95 9.17 12.02 -16.41
N ASP B 96 9.03 13.31 -16.30
CA ASP B 96 9.45 14.01 -15.09
C ASP B 96 8.21 14.52 -14.41
N TYR B 97 7.84 13.82 -13.33
CA TYR B 97 6.65 14.14 -12.54
C TYR B 97 6.72 15.49 -11.90
N TRP B 98 5.74 15.70 -11.04
CA TRP B 98 5.55 16.93 -10.30
C TRP B 98 4.12 16.87 -9.76
N GLY B 99 3.47 15.73 -9.95
CA GLY B 99 2.12 15.58 -9.46
C GLY B 99 2.15 14.86 -8.14
N GLN B 100 1.23 15.17 -7.23
CA GLN B 100 1.24 14.46 -5.96
C GLN B 100 0.17 13.35 -5.94
N GLY B 101 -0.54 13.20 -7.05
CA GLY B 101 -1.55 12.13 -7.18
C GLY B 101 -2.97 12.73 -7.15
N THR B 102 -3.89 11.83 -7.01
CA THR B 102 -5.34 12.03 -6.98
C THR B 102 -6.07 10.73 -7.26
N LEU B 103 -6.54 10.14 -6.21
CA LEU B 103 -7.09 8.79 -6.24
C LEU B 103 -8.52 8.68 -6.78
N VAL B 104 -8.63 7.93 -7.86
CA VAL B 104 -9.93 7.60 -8.47
C VAL B 104 -10.28 6.18 -8.07
N THR B 105 -11.51 6.00 -7.66
CA THR B 105 -11.95 4.69 -7.22
C THR B 105 -13.26 4.28 -7.90
N VAL B 106 -13.22 3.30 -8.80
CA VAL B 106 -14.45 2.83 -9.50
C VAL B 106 -15.09 1.62 -8.83
N SER B 107 -16.22 1.83 -8.16
CA SER B 107 -16.89 0.70 -7.52
C SER B 107 -18.39 0.85 -7.44
N ALA B 108 -19.07 -0.27 -7.61
CA ALA B 108 -20.52 -0.34 -7.55
C ALA B 108 -20.96 -0.25 -6.09
N ALA B 109 -20.00 -0.40 -5.18
CA ALA B 109 -20.30 -0.37 -3.75
C ALA B 109 -20.79 0.96 -3.22
N LYS B 110 -21.61 0.86 -2.17
CA LYS B 110 -22.25 2.00 -1.50
C LYS B 110 -21.53 2.43 -0.22
N THR B 111 -21.41 3.73 -0.03
CA THR B 111 -20.73 4.23 1.15
C THR B 111 -21.43 3.68 2.35
N THR B 112 -20.66 3.22 3.32
CA THR B 112 -21.25 2.70 4.54
C THR B 112 -20.33 2.82 5.73
N PRO B 113 -20.87 3.31 6.85
CA PRO B 113 -20.08 3.48 8.06
C PRO B 113 -19.59 2.17 8.62
N PRO B 114 -18.52 2.25 9.43
CA PRO B 114 -17.88 1.12 10.09
C PRO B 114 -18.65 0.73 11.34
N SER B 115 -18.13 -0.13 12.02
CA SER B 115 -18.49 -0.58 13.36
C SER B 115 -17.25 -0.75 14.23
N VAL B 116 -17.12 -0.11 15.27
CA VAL B 116 -15.85 -0.19 15.97
C VAL B 116 -16.00 -1.11 17.19
N TYR B 117 -15.14 -2.11 17.28
CA TYR B 117 -15.21 -3.06 18.40
C TYR B 117 -13.95 -3.00 19.22
N PRO B 118 -14.10 -2.89 20.55
CA PRO B 118 -12.91 -2.82 21.40
C PRO B 118 -12.31 -4.20 21.47
N LEU B 119 -11.05 -4.22 21.75
CA LEU B 119 -10.25 -5.44 21.87
C LEU B 119 -9.39 -5.43 23.13
N ALA B 120 -9.91 -5.98 24.17
CA ALA B 120 -9.08 -6.00 25.36
C ALA B 120 -8.78 -7.50 25.56
N VAL B 121 1.08 -4.49 28.08
CA VAL B 121 -0.09 -4.79 27.33
C VAL B 121 -0.27 -4.16 25.97
N THR B 122 -1.10 -4.92 25.26
CA THR B 122 -1.54 -4.63 23.92
C THR B 122 -3.08 -4.70 23.88
N LEU B 123 -3.65 -3.61 23.44
CA LEU B 123 -5.09 -3.52 23.19
C LEU B 123 -5.22 -3.43 21.69
N GLY B 124 -6.38 -3.17 21.19
CA GLY B 124 -6.50 -3.07 19.75
C GLY B 124 -7.90 -2.63 19.37
N CYS B 125 -8.07 -2.39 18.09
CA CYS B 125 -9.37 -1.95 17.58
C CYS B 125 -9.73 -2.67 16.30
N LEU B 126 -11.02 -2.85 16.16
CA LEU B 126 -11.58 -3.55 15.01
C LEU B 126 -12.62 -2.70 14.29
N VAL B 127 -12.18 -2.10 13.20
CA VAL B 127 -13.07 -1.34 12.32
C VAL B 127 -13.52 -2.29 11.23
N LYS B 128 -14.80 -2.60 11.25
CA LYS B 128 -15.30 -3.62 10.34
C LYS B 128 -16.49 -3.15 9.49
N GLY B 129 -16.46 -3.61 8.24
CA GLY B 129 -17.53 -3.40 7.24
C GLY B 129 -17.84 -1.93 6.92
N TYR B 130 -16.82 -1.23 6.45
CA TYR B 130 -16.96 0.17 6.00
C TYR B 130 -16.53 0.18 4.53
N PHE B 131 -17.09 1.06 3.71
CA PHE B 131 -16.75 0.99 2.29
C PHE B 131 -15.67 1.99 1.82
N PRO B 132 -15.99 3.26 1.51
CA PRO B 132 -14.95 4.15 1.03
C PRO B 132 -13.83 4.11 2.01
N GLU B 133 -12.87 3.32 1.61
CA GLU B 133 -11.67 2.97 2.39
C GLU B 133 -11.09 4.08 3.29
N PRO B 134 -11.08 5.39 2.98
CA PRO B 134 -10.38 6.33 3.86
C PRO B 134 -10.90 6.25 5.30
N VAL B 135 -10.03 5.78 6.18
CA VAL B 135 -10.37 5.71 7.63
C VAL B 135 -9.13 6.10 8.45
N THR B 136 -9.37 6.75 9.57
CA THR B 136 -8.27 7.19 10.45
C THR B 136 -8.51 6.75 11.88
N VAL B 137 -7.48 6.14 12.42
CA VAL B 137 -7.49 5.63 13.80
C VAL B 137 -6.35 6.24 14.59
N THR B 138 -6.70 6.83 15.72
CA THR B 138 -5.70 7.39 16.64
C THR B 138 -6.13 7.02 18.05
N TRP B 139 -5.15 6.90 18.93
CA TRP B 139 -5.44 6.53 20.32
C TRP B 139 -5.29 7.76 21.21
N ASN B 140 -6.36 8.01 21.94
CA ASN B 140 -6.44 9.16 22.84
C ASN B 140 -6.12 10.43 22.06
N SER B 141 -6.91 10.60 21.03
CA SER B 141 -6.81 11.77 20.17
C SER B 141 -5.36 12.03 19.73
N GLY B 142 -4.63 10.95 19.51
CA GLY B 142 -3.25 11.02 18.99
C GLY B 142 -2.19 11.24 20.08
N SER B 143 -2.61 11.63 21.26
CA SER B 143 -1.66 11.87 22.36
C SER B 143 -0.92 10.56 22.68
N LEU B 144 -1.53 9.48 22.23
CA LEU B 144 -1.00 8.12 22.44
C LEU B 144 -0.59 7.49 21.11
N SER B 145 0.48 8.02 20.57
CA SER B 145 1.09 7.54 19.32
C SER B 145 2.50 7.07 19.63
N SER B 146 2.66 5.80 19.38
CA SER B 146 3.87 5.05 19.63
C SER B 146 3.43 3.72 20.23
N GLY B 147 3.82 2.67 19.57
CA GLY B 147 3.41 1.34 19.96
C GLY B 147 2.12 1.01 19.23
N VAL B 148 1.69 1.97 18.42
CA VAL B 148 0.49 1.84 17.58
C VAL B 148 0.91 1.15 16.27
N HIS B 149 -0.01 0.36 15.75
CA HIS B 149 0.21 -0.41 14.52
C HIS B 149 -1.08 -0.57 13.75
N THR B 150 -1.39 0.34 12.87
CA THR B 150 -2.61 0.20 12.10
C THR B 150 -2.32 -0.66 10.87
N PHE B 151 -3.10 -1.72 10.72
CA PHE B 151 -2.87 -2.67 9.63
C PHE B 151 -3.69 -2.33 8.39
N PRO B 152 -3.06 -2.45 7.21
CA PRO B 152 -3.71 -2.20 5.95
C PRO B 152 -4.98 -2.99 5.81
N ALA B 153 -6.03 -2.20 5.64
CA ALA B 153 -7.37 -2.71 5.45
C ALA B 153 -7.36 -3.73 4.32
N VAL B 154 -8.10 -4.77 4.54
CA VAL B 154 -8.29 -5.81 3.54
C VAL B 154 -9.79 -5.91 3.29
N LEU B 155 -10.09 -5.87 2.02
CA LEU B 155 -11.45 -5.90 1.51
C LEU B 155 -12.05 -7.30 1.68
N GLN B 156 -12.98 -7.46 2.62
CA GLN B 156 -13.65 -8.74 2.82
C GLN B 156 -14.39 -9.05 1.53
N SER B 157 -15.63 -8.65 1.44
CA SER B 157 -16.35 -8.83 0.20
C SER B 157 -16.56 -7.46 -0.41
N ASP B 158 -17.65 -6.86 -0.04
CA ASP B 158 -17.98 -5.55 -0.55
C ASP B 158 -17.55 -4.45 0.41
N LEU B 159 -17.03 -4.85 1.56
CA LEU B 159 -16.62 -3.86 2.57
C LEU B 159 -15.22 -4.15 3.09
N TYR B 160 -14.69 -3.13 3.75
CA TYR B 160 -13.33 -3.15 4.30
C TYR B 160 -13.33 -3.44 5.80
N THR B 161 -12.27 -4.12 6.19
CA THR B 161 -12.00 -4.43 7.59
C THR B 161 -10.54 -4.14 7.84
N LEU B 162 -10.27 -3.77 9.05
CA LEU B 162 -8.92 -3.36 9.39
C LEU B 162 -8.78 -3.35 10.91
N SER B 163 -7.57 -3.58 11.43
CA SER B 163 -7.25 -3.65 12.89
C SER B 163 -6.14 -2.64 13.28
N SER B 164 -6.16 -2.05 14.49
CA SER B 164 -5.07 -1.16 14.97
C SER B 164 -4.70 -1.59 16.37
N SER B 165 -3.41 -1.67 16.68
CA SER B 165 -3.03 -2.11 18.00
C SER B 165 -2.03 -1.21 18.71
N VAL B 166 -2.37 -0.88 19.95
CA VAL B 166 -1.51 -0.02 20.73
C VAL B 166 -0.88 -0.84 21.84
N THR B 167 0.39 -0.62 22.09
CA THR B 167 1.03 -1.36 23.16
C THR B 167 1.56 -0.41 24.20
N VAL B 168 0.77 -0.20 25.25
CA VAL B 168 1.12 0.68 26.35
C VAL B 168 1.75 -0.12 27.49
N THR B 169 2.07 0.61 28.54
CA THR B 169 2.67 0.04 29.76
C THR B 169 1.52 -0.48 30.65
N SER B 170 1.79 -1.60 31.31
CA SER B 170 0.77 -2.32 32.13
C SER B 170 0.35 -1.58 33.41
N SER B 171 1.15 -0.62 33.81
CA SER B 171 0.84 0.18 35.02
C SER B 171 -0.18 1.26 34.68
N THR B 172 -0.14 1.58 33.41
CA THR B 172 -0.93 2.66 32.83
C THR B 172 -2.37 2.29 32.43
N TRP B 173 -2.55 1.09 31.96
CA TRP B 173 -3.82 0.68 31.33
C TRP B 173 -5.12 0.86 32.15
N PRO B 174 -5.65 -0.15 32.89
CA PRO B 174 -6.98 -0.05 33.50
C PRO B 174 -7.12 1.16 34.38
N SER B 175 -6.00 1.73 34.75
CA SER B 175 -5.97 2.90 35.64
C SER B 175 -6.06 4.21 34.86
N GLU B 176 -5.87 4.09 33.56
CA GLU B 176 -5.94 5.25 32.65
C GLU B 176 -6.79 4.91 31.44
N THR B 177 -7.70 5.81 31.16
CA THR B 177 -8.63 5.65 30.04
C THR B 177 -7.87 5.56 28.70
N VAL B 178 -7.95 4.40 28.06
CA VAL B 178 -7.35 4.26 26.71
C VAL B 178 -8.50 4.27 25.70
N THR B 179 -8.31 4.96 24.58
CA THR B 179 -9.36 5.10 23.58
C THR B 179 -8.93 5.05 22.14
N CYS B 180 -9.75 4.33 21.39
CA CYS B 180 -9.61 4.11 19.97
C CYS B 180 -10.46 5.22 19.34
N ASN B 181 -9.85 5.98 18.44
CA ASN B 181 -10.53 7.10 17.79
C ASN B 181 -10.65 6.84 16.30
N VAL B 182 -11.83 6.40 15.86
CA VAL B 182 -12.09 6.10 14.45
C VAL B 182 -12.84 7.25 13.78
N ALA B 183 -12.45 7.53 12.55
CA ALA B 183 -13.08 8.62 11.83
C ALA B 183 -13.24 8.22 10.39
N HIS B 184 -14.49 8.16 9.92
CA HIS B 184 -14.75 7.79 8.53
C HIS B 184 -15.28 8.96 7.70
N PRO B 185 -14.38 9.87 7.33
CA PRO B 185 -14.76 11.05 6.54
C PRO B 185 -15.86 10.80 5.53
N ALA B 186 -15.79 9.71 4.79
CA ALA B 186 -16.69 9.43 3.69
C ALA B 186 -18.15 9.43 4.15
N SER B 187 -18.50 9.50 5.39
CA SER B 187 -19.91 9.52 5.76
C SER B 187 -20.04 10.25 7.09
N SER B 188 -19.09 11.17 7.30
CA SER B 188 -19.03 11.99 8.51
C SER B 188 -19.38 11.18 9.73
N THR B 189 -18.53 10.19 9.98
CA THR B 189 -18.70 9.33 11.13
C THR B 189 -17.48 9.44 12.00
N LYS B 190 -17.72 9.57 13.28
CA LYS B 190 -16.63 9.65 14.21
C LYS B 190 -17.11 8.85 15.41
N VAL B 191 -16.29 7.88 15.82
CA VAL B 191 -16.60 7.00 16.93
C VAL B 191 -15.45 6.87 17.92
N ASP B 192 -15.78 6.91 19.20
CA ASP B 192 -14.78 6.74 20.23
C ASP B 192 -15.15 5.51 21.04
N LYS B 193 -14.30 4.48 20.99
CA LYS B 193 -14.56 3.25 21.73
C LYS B 193 -13.53 3.15 22.84
N LYS B 194 -14.04 3.03 24.07
CA LYS B 194 -13.21 2.96 25.27
C LYS B 194 -12.84 1.51 25.55
N ILE B 195 -11.57 1.20 25.45
CA ILE B 195 -11.15 -0.18 25.76
C ILE B 195 -11.22 -0.37 27.26
N VAL B 196 -12.11 -1.29 27.63
CA VAL B 196 -12.39 -1.60 29.04
C VAL B 196 -11.92 -3.00 29.43
N PRO B 197 -11.55 -3.19 30.70
CA PRO B 197 -11.08 -4.47 31.19
C PRO B 197 -12.17 -5.51 31.31
N ARG B 198 -11.72 -6.74 31.55
CA ARG B 198 -12.53 -7.95 31.74
C ARG B 198 -13.42 -8.24 30.52
#